data_5KIJ
#
_entry.id   5KIJ
#
_cell.length_a   50.625
_cell.length_b   53.830
_cell.length_c   56.118
_cell.angle_alpha   89.65
_cell.angle_beta   63.60
_cell.angle_gamma   62.70
#
_symmetry.space_group_name_H-M   'P 1'
#
loop_
_entity.id
_entity.type
_entity.pdbx_description
1 polymer 'Endoplasmic reticulum mannosyl-oligosaccharide 1,2-alpha-mannosidase'
2 branched alpha-D-mannopyranose-(1-2)-alpha-D-mannopyranose-(1-3)-[alpha-D-mannopyranose-(1-2)-alpha-D-mannopyranose-(1-6)]alpha-D-mannopyranose-(1-6)-[alpha-D-mannopyranose-(1-2)-alpha-D-mannopyranose-(1-3)]beta-D-mannopyranose-(1-4)-2-acetamido-2-deoxy-beta-D-glucopyranose
3 non-polymer 'LANTHANUM (III) ION'
4 non-polymer 'SULFATE ION'
5 non-polymer 1,4-BUTANEDIOL
6 non-polymer 3-PYRIDINIUM-1-YLPROPANE-1-SULFONATE
7 water water
#
_entity_poly.entity_id   1
_entity_poly.type   'polypeptide(L)'
_entity_poly.pdbx_seq_one_letter_code
;HLNYRQKGVIDVFLHAWKGYRKFAWGHDELKPVSRSFSEWFGLGLTLIDALDTMWILGLRKEFEEARKWVSKKLHFEKDV
DVNLFESTIRILGGLLSAYHLSGDSLFLRKAEDFGNRLMPAFRTPSKIPYSDVNIGTGVAHPPRWTSDSTVAEVTSIQLE
FRELSRLTGDKKFQEAVEKVTQHIHGLSGKKDGLVPMFINTHSGLFTHLGVFTLGARADSYYEYLLKQWIQGGKQETQLL
EDYVEAIEGVRTHLLRHSEPSKLTFVGELAHGRFSAKMDHLVCFLPGTLALGVYHGLPASHMELAQELMETCYQMNRQME
TGLSPEIVHFNLYPQPGRRDVEVKPADRHNLLRPETVESLFYLYRVTGDRKYQDWGWEILQSFSRFTRVPSGGYSSINNV
QDPQKPEPRDKMESFFLGETLKYLFLLFSDDPNLLSLDAYVFNTEAHPLPIW
;
_entity_poly.pdbx_strand_id   A
#
loop_
_chem_comp.id
_chem_comp.type
_chem_comp.name
_chem_comp.formula
1PS non-polymer 3-PYRIDINIUM-1-YLPROPANE-1-SULFONATE 'C8 H11 N O3 S'
BMA D-saccharide, beta linking beta-D-mannopyranose 'C6 H12 O6'
BU1 non-polymer 1,4-BUTANEDIOL 'C4 H10 O2'
LA non-polymer 'LANTHANUM (III) ION' 'La 3'
MAN D-saccharide, alpha linking alpha-D-mannopyranose 'C6 H12 O6'
NAG D-saccharide, beta linking 2-acetamido-2-deoxy-beta-D-glucopyranose 'C8 H15 N O6'
SO4 non-polymer 'SULFATE ION' 'O4 S -2'
#
# COMPACT_ATOMS: atom_id res chain seq x y z
N HIS A 1 22.76 -15.74 -10.34
CA HIS A 1 22.34 -14.85 -9.27
C HIS A 1 20.85 -15.01 -8.93
N LEU A 2 19.99 -15.19 -9.93
CA LEU A 2 18.57 -15.37 -9.68
C LEU A 2 18.29 -16.81 -9.25
N ASN A 3 17.50 -16.97 -8.19
CA ASN A 3 17.14 -18.29 -7.72
C ASN A 3 15.79 -18.72 -8.30
N TYR A 4 15.41 -19.97 -8.01
CA TYR A 4 14.26 -20.61 -8.63
C TYR A 4 12.97 -19.81 -8.41
N ARG A 5 12.72 -19.37 -7.18
CA ARG A 5 11.47 -18.67 -6.91
C ARG A 5 11.47 -17.29 -7.53
N GLN A 6 12.64 -16.65 -7.60
CA GLN A 6 12.73 -15.37 -8.28
C GLN A 6 12.43 -15.51 -9.78
N LYS A 7 12.97 -16.54 -10.41
CA LYS A 7 12.61 -16.81 -11.80
C LYS A 7 11.11 -17.01 -11.94
N GLY A 8 10.48 -17.63 -10.94
CA GLY A 8 9.03 -17.78 -10.96
C GLY A 8 8.32 -16.43 -10.93
N VAL A 9 8.76 -15.54 -10.04
CA VAL A 9 8.17 -14.19 -10.01
C VAL A 9 8.35 -13.51 -11.36
N ILE A 10 9.52 -13.64 -11.98
CA ILE A 10 9.74 -12.98 -13.27
C ILE A 10 8.81 -13.57 -14.35
N ASP A 11 8.64 -14.90 -14.35
CA ASP A 11 7.65 -15.51 -15.24
C ASP A 11 6.28 -14.86 -15.09
N VAL A 12 5.85 -14.66 -13.84
CA VAL A 12 4.54 -14.07 -13.58
C VAL A 12 4.51 -12.61 -14.03
N PHE A 13 5.59 -11.86 -13.76
CA PHE A 13 5.59 -10.47 -14.19
C PHE A 13 5.47 -10.37 -15.71
N LEU A 14 6.25 -11.18 -16.44
CA LEU A 14 6.24 -11.03 -17.88
C LEU A 14 4.93 -11.53 -18.51
N HIS A 15 4.26 -12.52 -17.89
CA HIS A 15 2.94 -12.88 -18.38
C HIS A 15 1.94 -11.76 -18.12
N ALA A 16 2.07 -11.11 -16.97
CA ALA A 16 1.26 -9.94 -16.70
C ALA A 16 1.56 -8.82 -17.68
N TRP A 17 2.86 -8.59 -17.94
CA TRP A 17 3.27 -7.48 -18.78
C TRP A 17 2.88 -7.69 -20.24
N LYS A 18 2.87 -8.93 -20.72
CA LYS A 18 2.51 -9.10 -22.12
C LYS A 18 1.02 -8.82 -22.34
N GLY A 19 0.18 -9.05 -21.34
CA GLY A 19 -1.20 -8.59 -21.42
C GLY A 19 -1.27 -7.07 -21.43
N TYR A 20 -0.51 -6.42 -20.54
CA TYR A 20 -0.51 -4.96 -20.51
C TYR A 20 -0.01 -4.37 -21.83
N ARG A 21 1.12 -4.87 -22.34
CA ARG A 21 1.65 -4.35 -23.60
C ARG A 21 0.68 -4.57 -24.76
N LYS A 22 0.06 -5.75 -24.81
CA LYS A 22 -0.74 -6.06 -26.00
C LYS A 22 -2.07 -5.33 -25.99
N PHE A 23 -2.66 -5.09 -24.82
CA PHE A 23 -4.06 -4.63 -24.77
C PHE A 23 -4.29 -3.34 -24.01
N ALA A 24 -3.29 -2.81 -23.29
CA ALA A 24 -3.54 -1.63 -22.47
C ALA A 24 -2.36 -0.66 -22.45
N TRP A 25 -1.48 -0.69 -23.46
CA TRP A 25 -0.24 0.08 -23.40
C TRP A 25 -0.52 1.56 -23.26
N GLY A 26 0.09 2.16 -22.23
CA GLY A 26 -0.07 3.56 -21.95
C GLY A 26 -1.35 3.91 -21.22
N HIS A 27 -2.16 2.91 -20.89
CA HIS A 27 -3.42 3.14 -20.20
C HIS A 27 -3.28 2.77 -18.73
N ASP A 28 -4.27 3.17 -17.93
CA ASP A 28 -4.08 3.05 -16.49
C ASP A 28 -4.08 1.61 -16.03
N GLU A 29 -5.04 0.80 -16.52
CA GLU A 29 -5.20 -0.56 -16.03
C GLU A 29 -5.60 -1.50 -17.16
N LEU A 30 -5.00 -2.69 -17.15
CA LEU A 30 -5.40 -3.77 -18.04
C LEU A 30 -6.68 -4.40 -17.54
N LYS A 31 -7.57 -4.72 -18.47
CA LYS A 31 -8.73 -5.56 -18.19
C LYS A 31 -8.45 -6.84 -18.95
N PRO A 32 -7.85 -7.85 -18.32
CA PRO A 32 -7.23 -8.95 -19.09
C PRO A 32 -8.23 -9.92 -19.68
N VAL A 33 -9.38 -10.14 -19.04
CA VAL A 33 -10.31 -11.12 -19.56
C VAL A 33 -10.97 -10.62 -20.83
N SER A 34 -11.26 -9.32 -20.89
CA SER A 34 -11.83 -8.72 -22.09
C SER A 34 -10.78 -8.20 -23.04
N ARG A 35 -9.50 -8.24 -22.65
CA ARG A 35 -8.38 -7.79 -23.47
C ARG A 35 -8.56 -6.33 -23.86
N SER A 36 -8.79 -5.50 -22.84
N SER A 36 -8.81 -5.51 -22.84
CA SER A 36 -9.02 -4.08 -23.03
CA SER A 36 -9.08 -4.08 -23.02
C SER A 36 -8.42 -3.35 -21.84
C SER A 36 -8.40 -3.33 -21.88
N PHE A 37 -8.90 -2.14 -21.59
CA PHE A 37 -8.30 -1.31 -20.56
C PHE A 37 -9.34 -0.36 -19.98
N SER A 38 -8.97 0.22 -18.85
CA SER A 38 -9.73 1.27 -18.20
C SER A 38 -8.81 2.42 -17.81
N GLU A 39 -9.41 3.60 -17.64
CA GLU A 39 -8.71 4.82 -17.28
C GLU A 39 -9.38 5.45 -16.06
N TRP A 40 -8.56 5.92 -15.11
CA TRP A 40 -9.17 6.84 -14.15
C TRP A 40 -8.33 8.09 -13.94
N PHE A 41 -7.00 8.00 -13.98
CA PHE A 41 -6.13 9.17 -14.10
C PHE A 41 -5.91 9.57 -15.55
N GLY A 42 -5.82 8.60 -16.45
CA GLY A 42 -5.34 8.83 -17.80
C GLY A 42 -3.85 9.11 -17.87
N LEU A 43 -3.05 8.47 -17.01
CA LEU A 43 -1.64 8.82 -16.89
C LEU A 43 -0.74 7.57 -16.94
N GLY A 44 -1.14 6.54 -17.69
CA GLY A 44 -0.36 5.30 -17.75
C GLY A 44 -0.02 4.70 -16.39
N LEU A 45 -1.03 4.61 -15.52
CA LEU A 45 -0.83 4.26 -14.12
C LEU A 45 -0.04 2.97 -13.95
N THR A 46 -0.50 1.88 -14.57
CA THR A 46 0.18 0.59 -14.40
C THR A 46 1.63 0.68 -14.85
N LEU A 47 1.89 1.42 -15.93
CA LEU A 47 3.26 1.59 -16.41
C LEU A 47 4.12 2.28 -15.36
N ILE A 48 3.64 3.40 -14.82
CA ILE A 48 4.43 4.16 -13.86
C ILE A 48 4.64 3.34 -12.59
N ASP A 49 3.61 2.63 -12.15
CA ASP A 49 3.71 1.85 -10.92
C ASP A 49 4.69 0.69 -11.07
N ALA A 50 4.93 0.23 -12.31
CA ALA A 50 5.78 -0.93 -12.53
C ALA A 50 7.20 -0.56 -12.95
N LEU A 51 7.48 0.73 -13.15
CA LEU A 51 8.81 1.13 -13.59
C LEU A 51 9.89 0.58 -12.66
N ASP A 52 9.77 0.86 -11.35
CA ASP A 52 10.82 0.40 -10.45
C ASP A 52 10.81 -1.12 -10.29
N THR A 53 9.64 -1.76 -10.33
CA THR A 53 9.61 -3.21 -10.34
C THR A 53 10.36 -3.78 -11.53
N MET A 54 10.15 -3.21 -12.73
CA MET A 54 10.91 -3.67 -13.89
C MET A 54 12.41 -3.50 -13.68
N TRP A 55 12.84 -2.36 -13.15
CA TRP A 55 14.27 -2.16 -12.90
C TRP A 55 14.81 -3.20 -11.93
N ILE A 56 14.09 -3.42 -10.84
CA ILE A 56 14.56 -4.32 -9.79
C ILE A 56 14.65 -5.75 -10.30
N LEU A 57 13.69 -6.18 -11.10
CA LEU A 57 13.69 -7.54 -11.62
C LEU A 57 14.69 -7.78 -12.75
N GLY A 58 15.44 -6.75 -13.16
CA GLY A 58 16.37 -6.88 -14.27
C GLY A 58 15.74 -6.80 -15.64
N LEU A 59 14.49 -6.34 -15.74
CA LEU A 59 13.77 -6.31 -17.00
C LEU A 59 14.07 -4.98 -17.71
N ARG A 60 15.32 -4.88 -18.19
CA ARG A 60 15.83 -3.59 -18.63
C ARG A 60 15.35 -3.21 -20.02
N LYS A 61 15.16 -4.18 -20.92
CA LYS A 61 14.58 -3.83 -22.22
C LYS A 61 13.15 -3.34 -22.05
N GLU A 62 12.38 -3.99 -21.17
CA GLU A 62 11.04 -3.50 -20.88
C GLU A 62 11.06 -2.11 -20.25
N PHE A 63 11.96 -1.88 -19.30
CA PHE A 63 12.08 -0.55 -18.68
C PHE A 63 12.36 0.52 -19.73
N GLU A 64 13.29 0.24 -20.65
CA GLU A 64 13.65 1.21 -21.69
C GLU A 64 12.44 1.54 -22.56
N GLU A 65 11.65 0.53 -22.91
CA GLU A 65 10.45 0.79 -23.69
C GLU A 65 9.47 1.65 -22.92
N ALA A 66 9.30 1.37 -21.63
CA ALA A 66 8.46 2.20 -20.78
C ALA A 66 9.05 3.61 -20.61
N ARG A 67 10.37 3.72 -20.53
CA ARG A 67 10.98 5.05 -20.42
C ARG A 67 10.69 5.90 -21.63
N LYS A 68 10.67 5.29 -22.83
N LYS A 68 10.69 5.29 -22.82
CA LYS A 68 10.36 6.04 -24.04
CA LYS A 68 10.36 6.02 -24.04
C LYS A 68 8.93 6.57 -24.01
C LYS A 68 8.94 6.57 -23.98
N TRP A 69 8.00 5.79 -23.43
CA TRP A 69 6.63 6.26 -23.29
C TRP A 69 6.55 7.45 -22.35
N VAL A 70 7.27 7.39 -21.21
CA VAL A 70 7.25 8.52 -20.30
C VAL A 70 7.83 9.76 -20.98
N SER A 71 8.88 9.58 -21.77
CA SER A 71 9.53 10.71 -22.42
C SER A 71 8.61 11.40 -23.43
N LYS A 72 7.81 10.62 -24.16
CA LYS A 72 7.05 11.16 -25.28
C LYS A 72 5.56 11.33 -25.01
N LYS A 73 4.96 10.53 -24.15
CA LYS A 73 3.51 10.47 -24.04
C LYS A 73 2.95 10.90 -22.70
N LEU A 74 3.76 11.04 -21.66
CA LEU A 74 3.25 11.38 -20.33
C LEU A 74 3.14 12.89 -20.21
N HIS A 75 1.91 13.41 -20.08
CA HIS A 75 1.65 14.84 -19.98
C HIS A 75 0.55 15.08 -18.96
N PHE A 76 0.69 16.14 -18.15
CA PHE A 76 -0.11 16.31 -16.95
C PHE A 76 -1.16 17.42 -17.06
N GLU A 77 -1.46 17.92 -18.26
CA GLU A 77 -2.27 19.13 -18.35
C GLU A 77 -3.75 18.87 -18.64
N LYS A 78 -4.17 17.61 -18.67
CA LYS A 78 -5.56 17.35 -19.00
C LYS A 78 -6.48 17.82 -17.88
N ASP A 79 -7.73 18.05 -18.26
CA ASP A 79 -8.79 18.43 -17.35
C ASP A 79 -9.26 17.15 -16.67
N VAL A 80 -8.63 16.82 -15.54
CA VAL A 80 -8.94 15.58 -14.83
C VAL A 80 -8.76 15.81 -13.33
N ASP A 81 -9.73 15.37 -12.56
CA ASP A 81 -9.64 15.38 -11.10
C ASP A 81 -8.90 14.15 -10.61
N VAL A 82 -7.87 14.34 -9.80
CA VAL A 82 -7.15 13.21 -9.23
C VAL A 82 -7.27 13.23 -7.72
N ASN A 83 -7.29 12.04 -7.13
CA ASN A 83 -7.18 11.89 -5.69
C ASN A 83 -5.75 12.19 -5.28
N LEU A 84 -5.58 13.13 -4.34
CA LEU A 84 -4.24 13.54 -3.94
C LEU A 84 -3.43 12.36 -3.43
N PHE A 85 -4.02 11.52 -2.58
CA PHE A 85 -3.28 10.40 -2.01
C PHE A 85 -2.88 9.37 -3.07
N GLU A 86 -3.83 8.93 -3.90
CA GLU A 86 -3.52 7.89 -4.89
C GLU A 86 -2.49 8.40 -5.88
N SER A 87 -2.63 9.68 -6.28
N SER A 87 -2.59 9.67 -6.28
CA SER A 87 -1.67 10.29 -7.19
CA SER A 87 -1.64 10.20 -7.24
C SER A 87 -0.28 10.28 -6.60
C SER A 87 -0.26 10.37 -6.62
N THR A 88 -0.19 10.69 -5.34
CA THR A 88 1.08 10.82 -4.67
C THR A 88 1.76 9.48 -4.51
N ILE A 89 1.04 8.48 -3.99
CA ILE A 89 1.71 7.24 -3.66
C ILE A 89 2.04 6.46 -4.92
N ARG A 90 1.22 6.60 -5.96
CA ARG A 90 1.43 5.80 -7.16
C ARG A 90 2.32 6.52 -8.18
N ILE A 91 1.90 7.71 -8.62
CA ILE A 91 2.58 8.40 -9.70
C ILE A 91 3.80 9.17 -9.19
N LEU A 92 3.62 10.03 -8.18
CA LEU A 92 4.79 10.74 -7.65
C LEU A 92 5.80 9.76 -7.08
N GLY A 93 5.34 8.80 -6.27
CA GLY A 93 6.27 7.82 -5.72
C GLY A 93 6.91 6.94 -6.79
N GLY A 94 6.11 6.52 -7.78
CA GLY A 94 6.66 5.69 -8.85
C GLY A 94 7.72 6.40 -9.68
N LEU A 95 7.52 7.69 -9.95
CA LEU A 95 8.52 8.45 -10.69
C LEU A 95 9.78 8.69 -9.85
N LEU A 96 9.62 8.95 -8.55
CA LEU A 96 10.78 9.22 -7.72
C LEU A 96 11.65 7.97 -7.57
N SER A 97 11.02 6.81 -7.42
CA SER A 97 11.80 5.58 -7.35
C SER A 97 12.45 5.26 -8.69
N ALA A 98 11.74 5.53 -9.79
CA ALA A 98 12.33 5.28 -11.09
C ALA A 98 13.54 6.17 -11.31
N TYR A 99 13.50 7.40 -10.80
CA TYR A 99 14.65 8.28 -10.87
C TYR A 99 15.82 7.72 -10.06
N HIS A 100 15.56 7.32 -8.81
CA HIS A 100 16.66 6.89 -7.95
C HIS A 100 17.33 5.64 -8.49
N LEU A 101 16.56 4.68 -8.98
CA LEU A 101 17.14 3.41 -9.42
C LEU A 101 17.86 3.56 -10.75
N SER A 102 17.26 4.27 -11.70
CA SER A 102 17.84 4.42 -13.04
C SER A 102 18.87 5.53 -13.11
N GLY A 103 18.73 6.56 -12.26
CA GLY A 103 19.51 7.78 -12.41
C GLY A 103 19.10 8.68 -13.56
N ASP A 104 17.96 8.40 -14.20
CA ASP A 104 17.53 9.11 -15.41
C ASP A 104 16.72 10.32 -14.99
N SER A 105 17.27 11.52 -15.24
CA SER A 105 16.66 12.74 -14.69
C SER A 105 15.26 13.00 -15.25
N LEU A 106 14.88 12.35 -16.35
CA LEU A 106 13.54 12.52 -16.89
C LEU A 106 12.48 12.28 -15.83
N PHE A 107 12.69 11.25 -15.00
CA PHE A 107 11.65 10.85 -14.05
C PHE A 107 11.49 11.91 -12.96
N LEU A 108 12.60 12.54 -12.55
CA LEU A 108 12.52 13.62 -11.58
C LEU A 108 11.83 14.83 -12.18
N ARG A 109 12.14 15.15 -13.44
N ARG A 109 12.11 15.13 -13.45
CA ARG A 109 11.49 16.28 -14.10
CA ARG A 109 11.48 16.30 -14.07
C ARG A 109 9.99 16.09 -14.13
C ARG A 109 9.98 16.11 -14.20
N LYS A 110 9.54 14.90 -14.54
CA LYS A 110 8.11 14.59 -14.53
C LYS A 110 7.55 14.65 -13.12
N ALA A 111 8.31 14.16 -12.14
CA ALA A 111 7.86 14.22 -10.75
C ALA A 111 7.61 15.65 -10.30
N GLU A 112 8.54 16.55 -10.62
CA GLU A 112 8.40 17.93 -10.16
C GLU A 112 7.24 18.62 -10.86
N ASP A 113 7.07 18.36 -12.17
CA ASP A 113 5.89 18.85 -12.89
C ASP A 113 4.61 18.40 -12.20
N PHE A 114 4.50 17.10 -11.94
CA PHE A 114 3.31 16.56 -11.28
C PHE A 114 3.14 17.13 -9.88
N GLY A 115 4.22 17.18 -9.09
CA GLY A 115 4.10 17.70 -7.74
C GLY A 115 3.56 19.12 -7.71
N ASN A 116 4.01 19.94 -8.65
CA ASN A 116 3.53 21.31 -8.71
C ASN A 116 2.03 21.36 -8.95
N ARG A 117 1.51 20.46 -9.80
CA ARG A 117 0.09 20.47 -10.10
C ARG A 117 -0.75 19.95 -8.93
N LEU A 118 -0.15 19.28 -7.95
CA LEU A 118 -0.90 18.78 -6.81
C LEU A 118 -1.04 19.81 -5.70
N MET A 119 -0.23 20.87 -5.75
CA MET A 119 -0.16 21.82 -4.64
C MET A 119 -1.45 22.57 -4.33
N PRO A 120 -2.35 22.86 -5.29
CA PRO A 120 -3.60 23.57 -4.93
C PRO A 120 -4.45 22.84 -3.88
N ALA A 121 -4.25 21.54 -3.69
CA ALA A 121 -5.06 20.83 -2.71
C ALA A 121 -4.82 21.31 -1.28
N PHE A 122 -3.69 21.95 -1.01
CA PHE A 122 -3.35 22.38 0.35
C PHE A 122 -3.90 23.75 0.73
N ARG A 123 -4.60 24.43 -0.18
CA ARG A 123 -5.14 25.76 0.11
C ARG A 123 -6.50 25.65 0.77
N THR A 124 -6.45 25.24 2.02
CA THR A 124 -7.62 25.15 2.88
C THR A 124 -7.36 26.01 4.10
N PRO A 125 -8.42 26.46 4.79
CA PRO A 125 -8.20 27.25 6.02
C PRO A 125 -7.28 26.58 7.04
N SER A 126 -7.40 25.26 7.23
CA SER A 126 -6.59 24.53 8.19
C SER A 126 -5.23 24.08 7.65
N LYS A 127 -5.04 24.16 6.33
N LYS A 127 -5.03 24.17 6.33
CA LYS A 127 -3.88 23.64 5.59
CA LYS A 127 -3.89 23.63 5.61
C LYS A 127 -3.95 22.13 5.45
C LYS A 127 -3.86 22.11 5.60
N ILE A 128 -4.93 21.47 6.05
CA ILE A 128 -5.15 20.05 5.75
C ILE A 128 -5.71 19.93 4.35
N PRO A 129 -5.10 19.14 3.46
CA PRO A 129 -5.45 19.26 2.03
C PRO A 129 -6.81 18.68 1.68
N TYR A 130 -7.39 19.25 0.63
CA TYR A 130 -8.56 18.68 -0.02
C TYR A 130 -8.25 17.30 -0.57
N SER A 131 -9.31 16.50 -0.77
N SER A 131 -9.30 16.51 -0.78
CA SER A 131 -9.14 15.14 -1.25
CA SER A 131 -9.13 15.14 -1.25
C SER A 131 -8.76 15.12 -2.73
C SER A 131 -8.81 15.07 -2.74
N ASP A 132 -9.37 15.99 -3.53
CA ASP A 132 -9.27 15.96 -4.98
C ASP A 132 -8.66 17.25 -5.49
N VAL A 133 -7.84 17.14 -6.53
CA VAL A 133 -7.30 18.32 -7.21
C VAL A 133 -7.28 18.05 -8.71
N ASN A 134 -7.56 19.08 -9.49
CA ASN A 134 -7.56 18.96 -10.94
C ASN A 134 -6.19 19.41 -11.44
N ILE A 135 -5.41 18.48 -12.00
CA ILE A 135 -4.03 18.80 -12.37
C ILE A 135 -3.98 19.76 -13.55
N GLY A 136 -5.06 19.90 -14.30
CA GLY A 136 -5.08 20.77 -15.47
C GLY A 136 -5.62 22.16 -15.16
N THR A 137 -6.69 22.25 -14.36
CA THR A 137 -7.39 23.50 -14.11
C THR A 137 -6.96 24.19 -12.81
N GLY A 138 -6.35 23.47 -11.88
CA GLY A 138 -5.91 24.04 -10.63
C GLY A 138 -6.96 24.09 -9.54
N VAL A 139 -8.16 23.60 -9.80
CA VAL A 139 -9.22 23.58 -8.80
C VAL A 139 -9.06 22.35 -7.92
N ALA A 140 -9.23 22.52 -6.62
CA ALA A 140 -9.26 21.41 -5.68
C ALA A 140 -10.56 21.49 -4.89
N HIS A 141 -11.05 20.35 -4.42
CA HIS A 141 -12.35 20.34 -3.77
C HIS A 141 -12.46 19.10 -2.87
N PRO A 142 -13.43 19.08 -1.96
CA PRO A 142 -13.70 17.87 -1.18
C PRO A 142 -14.42 16.84 -2.02
N PRO A 143 -14.55 15.60 -1.54
CA PRO A 143 -15.31 14.60 -2.29
C PRO A 143 -16.80 14.95 -2.31
N ARG A 144 -17.52 14.25 -3.19
CA ARG A 144 -18.97 14.44 -3.22
C ARG A 144 -19.67 13.67 -2.11
N TRP A 145 -19.24 12.44 -1.85
CA TRP A 145 -19.93 11.57 -0.92
C TRP A 145 -19.71 11.95 0.54
N THR A 146 -18.80 12.88 0.82
CA THR A 146 -18.56 13.34 2.18
C THR A 146 -17.89 14.71 2.11
N SER A 147 -17.96 15.44 3.21
CA SER A 147 -17.40 16.78 3.28
C SER A 147 -15.95 16.79 3.76
N ASP A 148 -15.44 15.64 4.17
CA ASP A 148 -14.17 15.60 4.88
C ASP A 148 -13.10 14.93 4.04
N SER A 149 -11.85 15.24 4.39
CA SER A 149 -10.76 14.44 3.88
C SER A 149 -10.55 13.21 4.75
N THR A 150 -9.81 12.25 4.22
CA THR A 150 -9.57 10.98 4.87
C THR A 150 -8.22 11.03 5.58
N VAL A 151 -8.16 10.56 6.82
CA VAL A 151 -6.97 10.74 7.65
C VAL A 151 -5.75 10.05 7.03
N ALA A 152 -5.88 8.78 6.63
CA ALA A 152 -4.75 8.12 6.00
C ALA A 152 -4.33 8.84 4.73
N GLU A 153 -5.27 9.43 4.01
CA GLU A 153 -4.93 10.08 2.76
C GLU A 153 -4.07 11.32 2.98
N VAL A 154 -4.38 12.14 3.98
CA VAL A 154 -3.57 13.34 4.18
C VAL A 154 -2.29 13.08 4.96
N THR A 155 -2.14 11.91 5.59
CA THR A 155 -0.93 11.53 6.33
C THR A 155 -0.10 10.45 5.62
N SER A 156 -0.41 10.12 4.37
CA SER A 156 0.36 9.12 3.64
C SER A 156 0.91 9.69 2.34
N ILE A 157 1.23 10.99 2.36
CA ILE A 157 1.87 11.68 1.25
C ILE A 157 3.21 12.28 1.63
N GLN A 158 3.65 12.10 2.87
CA GLN A 158 4.76 12.89 3.40
C GLN A 158 6.12 12.45 2.86
N LEU A 159 6.37 11.14 2.80
CA LEU A 159 7.64 10.65 2.27
C LEU A 159 7.92 11.24 0.90
N GLU A 160 6.89 11.28 0.06
CA GLU A 160 7.06 11.63 -1.34
C GLU A 160 7.29 13.13 -1.51
N PHE A 161 6.53 13.95 -0.77
CA PHE A 161 6.70 15.39 -0.88
C PHE A 161 8.00 15.84 -0.23
N ARG A 162 8.39 15.20 0.88
CA ARG A 162 9.66 15.48 1.52
C ARG A 162 10.83 15.18 0.59
N GLU A 163 10.83 13.98 -0.01
CA GLU A 163 11.90 13.60 -0.92
C GLU A 163 11.93 14.51 -2.15
N LEU A 164 10.75 14.91 -2.64
CA LEU A 164 10.72 15.81 -3.80
C LEU A 164 11.35 17.15 -3.48
N SER A 165 11.04 17.70 -2.30
CA SER A 165 11.71 18.93 -1.88
C SER A 165 13.21 18.75 -1.75
N ARG A 166 13.64 17.63 -1.17
CA ARG A 166 15.08 17.40 -1.05
C ARG A 166 15.76 17.36 -2.40
N LEU A 167 15.11 16.77 -3.40
CA LEU A 167 15.74 16.59 -4.70
C LEU A 167 15.68 17.85 -5.56
N THR A 168 14.61 18.64 -5.44
CA THR A 168 14.43 19.81 -6.29
C THR A 168 14.96 21.08 -5.67
N GLY A 169 15.15 21.11 -4.34
CA GLY A 169 15.47 22.34 -3.67
C GLY A 169 14.30 23.30 -3.50
N ASP A 170 13.09 22.88 -3.85
CA ASP A 170 11.88 23.67 -3.69
C ASP A 170 11.23 23.24 -2.38
N LYS A 171 11.22 24.14 -1.40
CA LYS A 171 10.74 23.80 -0.07
C LYS A 171 9.23 23.67 0.04
N LYS A 172 8.47 24.08 -0.98
CA LYS A 172 7.03 24.17 -0.78
C LYS A 172 6.41 22.79 -0.59
N PHE A 173 6.99 21.75 -1.17
CA PHE A 173 6.40 20.42 -1.04
C PHE A 173 6.52 19.91 0.38
N GLN A 174 7.72 20.05 0.94
CA GLN A 174 7.97 19.59 2.30
C GLN A 174 7.20 20.42 3.31
N GLU A 175 7.17 21.74 3.12
CA GLU A 175 6.48 22.60 4.07
C GLU A 175 5.00 22.25 4.15
N ALA A 176 4.38 21.97 3.00
CA ALA A 176 2.94 21.69 3.00
C ALA A 176 2.62 20.39 3.73
N VAL A 177 3.39 19.33 3.47
CA VAL A 177 3.02 18.08 4.12
C VAL A 177 3.46 18.05 5.57
N GLU A 178 4.49 18.81 5.94
CA GLU A 178 4.91 18.76 7.34
C GLU A 178 3.93 19.54 8.21
N LYS A 179 3.29 20.58 7.68
CA LYS A 179 2.23 21.25 8.43
C LYS A 179 1.14 20.27 8.81
N VAL A 180 0.80 19.34 7.91
CA VAL A 180 -0.23 18.36 8.18
C VAL A 180 0.17 17.49 9.36
N THR A 181 1.41 16.99 9.35
CA THR A 181 1.90 16.10 10.40
C THR A 181 1.90 16.78 11.74
N GLN A 182 2.43 18.00 11.80
CA GLN A 182 2.52 18.74 13.06
C GLN A 182 1.14 19.03 13.63
N HIS A 183 0.20 19.41 12.76
CA HIS A 183 -1.16 19.70 13.21
C HIS A 183 -1.82 18.46 13.80
N ILE A 184 -1.69 17.32 13.10
CA ILE A 184 -2.36 16.11 13.58
C ILE A 184 -1.72 15.62 14.88
N HIS A 185 -0.42 15.87 15.05
CA HIS A 185 0.24 15.56 16.31
C HIS A 185 -0.45 16.20 17.50
N GLY A 186 -1.09 17.34 17.30
CA GLY A 186 -1.68 18.08 18.39
C GLY A 186 -3.18 17.97 18.53
N LEU A 187 -3.83 17.11 17.74
CA LEU A 187 -5.28 17.03 17.72
C LEU A 187 -5.83 16.22 18.89
N SER A 188 -6.99 16.62 19.37
N SER A 188 -6.99 16.62 19.38
CA SER A 188 -7.70 15.82 20.35
CA SER A 188 -7.74 15.86 20.36
C SER A 188 -8.40 14.65 19.65
C SER A 188 -8.61 14.81 19.66
N GLY A 189 -9.07 13.83 20.44
CA GLY A 189 -9.95 12.81 19.92
C GLY A 189 -9.30 11.48 19.55
N LYS A 190 -8.00 11.33 19.79
CA LYS A 190 -7.38 10.03 19.63
C LYS A 190 -7.76 9.15 20.81
N LYS A 191 -7.67 7.84 20.60
CA LYS A 191 -7.79 6.88 21.70
C LYS A 191 -6.45 6.17 21.83
N ASP A 192 -5.63 6.60 22.80
CA ASP A 192 -4.31 6.03 23.05
C ASP A 192 -3.51 5.88 21.75
N GLY A 193 -3.49 6.97 20.96
CA GLY A 193 -2.72 7.03 19.73
C GLY A 193 -3.47 6.56 18.50
N LEU A 194 -4.67 6.01 18.65
CA LEU A 194 -5.47 5.58 17.51
C LEU A 194 -6.23 6.79 16.97
N VAL A 195 -6.22 6.97 15.65
CA VAL A 195 -6.85 8.13 15.03
C VAL A 195 -8.20 7.80 14.40
N PRO A 196 -9.12 8.75 14.40
CA PRO A 196 -10.33 8.62 13.57
C PRO A 196 -9.98 8.58 12.09
N MET A 197 -11.00 8.26 11.27
CA MET A 197 -10.84 8.06 9.84
C MET A 197 -10.92 9.33 9.01
N PHE A 198 -11.56 10.38 9.50
CA PHE A 198 -11.83 11.56 8.69
C PHE A 198 -11.41 12.83 9.44
N ILE A 199 -11.14 13.88 8.67
CA ILE A 199 -10.65 15.14 9.19
C ILE A 199 -11.20 16.26 8.29
N ASN A 200 -11.74 17.30 8.92
CA ASN A 200 -12.39 18.38 8.19
C ASN A 200 -11.39 19.44 7.76
N THR A 201 -11.40 19.79 6.48
CA THR A 201 -10.42 20.75 5.97
C THR A 201 -10.69 22.18 6.44
N HIS A 202 -11.93 22.51 6.77
CA HIS A 202 -12.22 23.87 7.20
C HIS A 202 -11.86 24.09 8.67
N SER A 203 -12.23 23.16 9.55
CA SER A 203 -11.92 23.29 10.97
C SER A 203 -10.57 22.68 11.35
N GLY A 204 -10.05 21.76 10.55
CA GLY A 204 -8.86 21.01 10.90
C GLY A 204 -9.06 19.94 11.96
N LEU A 205 -10.28 19.71 12.41
CA LEU A 205 -10.50 18.75 13.49
C LEU A 205 -10.91 17.40 12.93
N PHE A 206 -10.58 16.33 13.67
CA PHE A 206 -11.09 15.01 13.34
C PHE A 206 -12.61 15.02 13.33
N THR A 207 -13.19 14.18 12.48
CA THR A 207 -14.62 13.88 12.53
C THR A 207 -14.79 12.37 12.65
N HIS A 208 -16.05 11.91 12.72
CA HIS A 208 -16.34 10.51 12.97
C HIS A 208 -15.63 10.04 14.24
N LEU A 209 -15.81 10.81 15.31
CA LEU A 209 -15.12 10.52 16.56
C LEU A 209 -15.59 9.19 17.14
N GLY A 210 -14.67 8.52 17.84
CA GLY A 210 -14.97 7.30 18.56
C GLY A 210 -14.97 6.03 17.74
N VAL A 211 -14.64 6.10 16.45
CA VAL A 211 -14.66 4.95 15.55
C VAL A 211 -13.23 4.72 15.07
N PHE A 212 -12.67 3.55 15.40
CA PHE A 212 -11.24 3.30 15.23
C PHE A 212 -11.00 2.01 14.46
N THR A 213 -10.28 2.13 13.35
CA THR A 213 -9.86 0.99 12.55
C THR A 213 -8.39 1.13 12.20
N LEU A 214 -7.73 0.00 12.02
CA LEU A 214 -6.42 0.00 11.39
C LEU A 214 -6.50 -0.45 9.94
N GLY A 215 -7.71 -0.53 9.37
CA GLY A 215 -7.87 -0.86 7.97
C GLY A 215 -7.96 0.38 7.10
N ALA A 216 -8.82 0.32 6.07
CA ALA A 216 -8.92 1.42 5.12
C ALA A 216 -9.27 2.72 5.83
N ARG A 217 -8.59 3.79 5.40
CA ARG A 217 -8.73 5.21 5.74
C ARG A 217 -7.94 5.54 7.01
N ALA A 218 -7.31 4.56 7.66
CA ALA A 218 -6.46 4.88 8.79
C ALA A 218 -5.09 4.19 8.73
N ASP A 219 -5.01 3.02 8.08
CA ASP A 219 -3.83 2.15 8.16
C ASP A 219 -2.50 2.90 7.95
N SER A 220 -2.36 3.63 6.84
CA SER A 220 -1.03 4.13 6.53
C SER A 220 -0.65 5.38 7.31
N TYR A 221 -1.56 5.97 8.07
CA TYR A 221 -1.14 6.97 9.05
C TYR A 221 -0.06 6.39 9.97
N TYR A 222 -0.29 5.18 10.46
CA TYR A 222 0.66 4.55 11.39
C TYR A 222 1.93 4.15 10.67
N GLU A 223 1.77 3.60 9.47
CA GLU A 223 2.92 3.22 8.63
C GLU A 223 3.84 4.42 8.38
N TYR A 224 3.27 5.59 8.07
CA TYR A 224 4.12 6.74 7.74
C TYR A 224 4.68 7.46 8.95
N LEU A 225 4.09 7.30 10.15
CA LEU A 225 4.78 7.79 11.34
C LEU A 225 6.15 7.15 11.45
N LEU A 226 6.17 5.82 11.41
CA LEU A 226 7.43 5.09 11.49
C LEU A 226 8.35 5.44 10.33
N LYS A 227 7.81 5.40 9.10
CA LYS A 227 8.68 5.51 7.93
C LYS A 227 9.27 6.91 7.79
N GLN A 228 8.50 7.94 8.12
CA GLN A 228 9.06 9.29 8.12
C GLN A 228 10.18 9.41 9.13
N TRP A 229 9.98 8.83 10.31
CA TRP A 229 11.03 8.83 11.32
C TRP A 229 12.31 8.21 10.78
N ILE A 230 12.20 7.02 10.16
CA ILE A 230 13.36 6.37 9.55
C ILE A 230 13.94 7.25 8.45
N GLN A 231 13.09 7.76 7.57
CA GLN A 231 13.56 8.58 6.45
C GLN A 231 14.41 9.75 6.94
N GLY A 232 13.96 10.46 7.95
CA GLY A 232 14.65 11.65 8.38
C GLY A 232 15.83 11.38 9.28
N GLY A 233 16.33 10.15 9.30
CA GLY A 233 17.49 9.80 10.09
C GLY A 233 17.23 9.69 11.58
N LYS A 234 15.99 9.40 11.99
CA LYS A 234 15.63 9.07 13.37
C LYS A 234 15.87 10.25 14.30
N GLN A 235 15.60 11.47 13.81
CA GLN A 235 15.74 12.66 14.62
C GLN A 235 14.43 13.33 14.96
N GLU A 236 13.35 12.98 14.26
CA GLU A 236 12.03 13.57 14.47
C GLU A 236 11.31 12.73 15.50
N THR A 237 11.56 13.03 16.78
CA THR A 237 11.13 12.16 17.87
C THR A 237 9.62 12.15 18.04
N GLN A 238 8.93 13.23 17.66
CA GLN A 238 7.47 13.26 17.78
C GLN A 238 6.82 12.17 16.95
N LEU A 239 7.38 11.88 15.76
CA LEU A 239 6.89 10.77 14.95
C LEU A 239 7.02 9.45 15.69
N LEU A 240 8.21 9.17 16.23
CA LEU A 240 8.43 7.95 16.99
C LEU A 240 7.49 7.85 18.18
N GLU A 241 7.34 8.94 18.93
CA GLU A 241 6.47 8.93 20.10
C GLU A 241 5.03 8.58 19.73
N ASP A 242 4.50 9.23 18.67
CA ASP A 242 3.13 8.93 18.25
C ASP A 242 3.00 7.51 17.69
N TYR A 243 4.07 6.97 17.09
CA TYR A 243 4.02 5.59 16.63
C TYR A 243 3.98 4.63 17.81
N VAL A 244 4.89 4.83 18.77
CA VAL A 244 4.96 3.95 19.95
C VAL A 244 3.65 3.97 20.70
N GLU A 245 3.08 5.17 20.87
CA GLU A 245 1.80 5.30 21.56
C GLU A 245 0.72 4.53 20.82
N ALA A 246 0.71 4.64 19.49
CA ALA A 246 -0.32 3.97 18.70
C ALA A 246 -0.24 2.46 18.85
N ILE A 247 0.97 1.89 18.83
CA ILE A 247 1.08 0.43 18.95
C ILE A 247 0.56 -0.02 20.32
N GLU A 248 0.83 0.76 21.37
CA GLU A 248 0.27 0.43 22.67
C GLU A 248 -1.24 0.52 22.66
N GLY A 249 -1.78 1.48 21.91
CA GLY A 249 -3.23 1.58 21.78
C GLY A 249 -3.81 0.37 21.08
N VAL A 250 -3.13 -0.11 20.02
CA VAL A 250 -3.53 -1.35 19.37
C VAL A 250 -3.59 -2.48 20.38
N ARG A 251 -2.54 -2.60 21.21
CA ARG A 251 -2.46 -3.68 22.19
C ARG A 251 -3.58 -3.57 23.21
N THR A 252 -3.89 -2.36 23.65
CA THR A 252 -4.87 -2.18 24.72
C THR A 252 -6.29 -2.41 24.24
N HIS A 253 -6.62 -1.96 23.01
CA HIS A 253 -8.01 -1.88 22.58
C HIS A 253 -8.38 -2.81 21.42
N LEU A 254 -7.48 -3.12 20.49
CA LEU A 254 -7.91 -3.77 19.25
C LEU A 254 -7.54 -5.24 19.14
N LEU A 255 -6.62 -5.74 19.97
CA LEU A 255 -6.14 -7.11 19.86
C LEU A 255 -7.00 -8.09 20.65
N ARG A 256 -7.44 -9.15 19.96
N ARG A 256 -7.44 -9.15 19.96
CA ARG A 256 -8.16 -10.26 20.57
CA ARG A 256 -8.14 -10.26 20.58
C ARG A 256 -7.57 -11.56 20.03
C ARG A 256 -7.64 -11.55 19.94
N HIS A 257 -8.22 -12.68 20.33
CA HIS A 257 -7.78 -13.97 19.85
C HIS A 257 -8.94 -14.78 19.28
N SER A 258 -8.67 -15.46 18.17
CA SER A 258 -9.70 -16.20 17.43
C SER A 258 -9.97 -17.56 18.05
N GLU A 259 -11.06 -18.17 17.60
CA GLU A 259 -11.33 -19.60 17.82
C GLU A 259 -11.51 -20.30 16.46
N PRO A 260 -11.01 -21.54 16.34
CA PRO A 260 -10.47 -22.40 17.40
C PRO A 260 -8.96 -22.29 17.63
N SER A 261 -8.24 -21.53 16.81
CA SER A 261 -6.78 -21.62 16.80
C SER A 261 -6.06 -20.59 17.68
N LYS A 262 -6.79 -19.70 18.36
CA LYS A 262 -6.19 -18.71 19.25
C LYS A 262 -5.26 -17.75 18.52
N LEU A 263 -5.61 -17.40 17.28
CA LEU A 263 -4.79 -16.51 16.48
C LEU A 263 -4.98 -15.07 16.96
N THR A 264 -3.88 -14.34 17.07
CA THR A 264 -3.99 -12.92 17.43
C THR A 264 -4.51 -12.12 16.24
N PHE A 265 -5.55 -11.32 16.45
CA PHE A 265 -6.04 -10.49 15.35
C PHE A 265 -6.34 -9.09 15.86
N VAL A 266 -6.50 -8.17 14.90
CA VAL A 266 -6.80 -6.76 15.13
C VAL A 266 -8.22 -6.52 14.67
N GLY A 267 -9.06 -6.01 15.57
CA GLY A 267 -10.43 -5.66 15.24
C GLY A 267 -10.66 -4.16 15.25
N GLU A 268 -11.93 -3.78 15.23
CA GLU A 268 -12.30 -2.38 15.13
C GLU A 268 -13.11 -1.99 16.36
N LEU A 269 -13.08 -0.71 16.68
CA LEU A 269 -13.80 -0.20 17.85
C LEU A 269 -14.74 0.90 17.38
N ALA A 270 -16.02 0.80 17.75
CA ALA A 270 -16.99 1.83 17.40
C ALA A 270 -17.74 2.23 18.66
N HIS A 271 -17.51 3.47 19.11
CA HIS A 271 -18.20 4.01 20.29
C HIS A 271 -18.11 3.04 21.46
N GLY A 272 -16.92 2.46 21.65
CA GLY A 272 -16.63 1.56 22.74
C GLY A 272 -16.94 0.10 22.49
N ARG A 273 -17.59 -0.23 21.37
CA ARG A 273 -18.01 -1.59 21.08
C ARG A 273 -17.00 -2.25 20.13
N PHE A 274 -16.52 -3.43 20.51
CA PHE A 274 -15.55 -4.14 19.69
C PHE A 274 -16.24 -4.90 18.57
N SER A 275 -15.63 -4.87 17.39
CA SER A 275 -16.09 -5.63 16.24
C SER A 275 -14.91 -6.47 15.74
N ALA A 276 -15.13 -7.78 15.59
CA ALA A 276 -14.05 -8.69 15.23
C ALA A 276 -13.92 -8.78 13.70
N LYS A 277 -13.70 -7.62 13.10
CA LYS A 277 -13.62 -7.46 11.66
C LYS A 277 -12.24 -6.95 11.31
N MET A 278 -11.59 -7.59 10.34
CA MET A 278 -10.20 -7.28 10.00
C MET A 278 -10.06 -7.23 8.50
N ASP A 279 -9.92 -6.02 7.93
CA ASP A 279 -9.56 -5.89 6.53
C ASP A 279 -8.24 -6.60 6.24
N HIS A 280 -8.10 -7.15 5.03
CA HIS A 280 -6.79 -7.62 4.61
C HIS A 280 -5.76 -6.49 4.66
N LEU A 281 -6.21 -5.24 4.50
CA LEU A 281 -5.31 -4.10 4.62
C LEU A 281 -4.56 -4.09 5.95
N VAL A 282 -5.17 -4.60 7.02
CA VAL A 282 -4.49 -4.57 8.31
C VAL A 282 -3.25 -5.44 8.29
N CYS A 283 -3.15 -6.35 7.33
CA CYS A 283 -1.97 -7.20 7.25
C CYS A 283 -0.70 -6.42 6.92
N PHE A 284 -0.79 -5.12 6.59
CA PHE A 284 0.43 -4.30 6.58
C PHE A 284 1.12 -4.31 7.94
N LEU A 285 0.36 -4.51 9.04
CA LEU A 285 0.92 -4.17 10.34
C LEU A 285 2.08 -5.06 10.79
N PRO A 286 2.05 -6.39 10.58
CA PRO A 286 3.23 -7.18 10.98
C PRO A 286 4.52 -6.71 10.31
N GLY A 287 4.46 -6.38 9.03
CA GLY A 287 5.64 -5.86 8.34
C GLY A 287 6.14 -4.55 8.93
N THR A 288 5.23 -3.64 9.22
CA THR A 288 5.62 -2.36 9.81
C THR A 288 6.21 -2.57 11.20
N LEU A 289 5.60 -3.42 12.01
CA LEU A 289 6.14 -3.71 13.33
C LEU A 289 7.56 -4.27 13.22
N ALA A 290 7.76 -5.21 12.30
CA ALA A 290 9.09 -5.80 12.17
C ALA A 290 10.10 -4.80 11.66
N LEU A 291 9.70 -3.97 10.69
CA LEU A 291 10.59 -2.90 10.24
C LEU A 291 11.00 -2.02 11.40
N GLY A 292 10.05 -1.69 12.28
CA GLY A 292 10.40 -0.88 13.44
C GLY A 292 11.46 -1.54 14.31
N VAL A 293 11.30 -2.85 14.56
CA VAL A 293 12.26 -3.56 15.41
C VAL A 293 13.65 -3.51 14.79
N TYR A 294 13.76 -3.69 13.47
CA TYR A 294 15.06 -3.57 12.82
C TYR A 294 15.70 -2.24 13.17
N HIS A 295 14.90 -1.19 13.33
CA HIS A 295 15.40 0.15 13.56
C HIS A 295 15.39 0.57 15.02
N GLY A 296 15.19 -0.38 15.95
CA GLY A 296 15.36 -0.12 17.37
C GLY A 296 14.09 -0.16 18.20
N LEU A 297 12.92 -0.39 17.61
CA LEU A 297 11.70 -0.49 18.40
C LEU A 297 11.78 -1.73 19.31
N PRO A 298 10.99 -1.76 20.39
CA PRO A 298 11.17 -2.83 21.38
C PRO A 298 10.77 -4.20 20.87
N ALA A 299 11.40 -5.22 21.48
CA ALA A 299 11.16 -6.61 21.10
C ALA A 299 9.69 -7.02 21.20
N SER A 300 8.91 -6.36 22.08
CA SER A 300 7.49 -6.68 22.15
C SER A 300 6.81 -6.46 20.81
N HIS A 301 7.33 -5.52 20.01
CA HIS A 301 6.79 -5.32 18.68
C HIS A 301 7.03 -6.53 17.79
N MET A 302 8.14 -7.23 17.99
CA MET A 302 8.39 -8.40 17.16
C MET A 302 7.54 -9.59 17.60
N GLU A 303 7.31 -9.75 18.91
CA GLU A 303 6.35 -10.75 19.37
C GLU A 303 5.03 -10.56 18.67
N LEU A 304 4.54 -9.32 18.65
CA LEU A 304 3.26 -9.04 17.99
C LEU A 304 3.36 -9.25 16.50
N ALA A 305 4.47 -8.81 15.89
CA ALA A 305 4.64 -8.96 14.45
C ALA A 305 4.51 -10.43 14.04
N GLN A 306 5.16 -11.32 14.79
CA GLN A 306 5.17 -12.74 14.40
C GLN A 306 3.79 -13.37 14.58
N GLU A 307 3.05 -13.01 15.64
CA GLU A 307 1.70 -13.53 15.80
C GLU A 307 0.80 -13.10 14.64
N LEU A 308 0.85 -11.80 14.30
CA LEU A 308 0.01 -11.25 13.25
C LEU A 308 0.40 -11.77 11.87
N MET A 309 1.68 -12.08 11.66
CA MET A 309 2.06 -12.65 10.38
C MET A 309 1.44 -14.01 10.21
N GLU A 310 1.41 -14.81 11.29
CA GLU A 310 0.76 -16.11 11.21
C GLU A 310 -0.73 -15.97 10.92
N THR A 311 -1.38 -15.01 11.57
CA THR A 311 -2.80 -14.77 11.33
C THR A 311 -3.04 -14.37 9.89
N CYS A 312 -2.24 -13.45 9.37
CA CYS A 312 -2.42 -13.01 8.00
C CYS A 312 -2.18 -14.15 7.02
N TYR A 313 -1.19 -15.00 7.31
CA TYR A 313 -0.99 -16.20 6.49
C TYR A 313 -2.26 -17.06 6.50
N GLN A 314 -2.81 -17.32 7.69
CA GLN A 314 -4.01 -18.14 7.77
C GLN A 314 -5.20 -17.52 7.04
N MET A 315 -5.25 -16.17 6.97
CA MET A 315 -6.32 -15.53 6.22
C MET A 315 -6.26 -15.91 4.76
N ASN A 316 -5.06 -16.20 4.25
CA ASN A 316 -4.92 -16.75 2.91
C ASN A 316 -5.19 -18.25 2.88
N ARG A 317 -4.46 -19.02 3.67
CA ARG A 317 -4.46 -20.46 3.47
C ARG A 317 -5.74 -21.14 3.99
N GLN A 318 -6.56 -20.47 4.81
CA GLN A 318 -7.80 -21.12 5.20
C GLN A 318 -8.90 -20.93 4.16
N MET A 319 -8.63 -20.18 3.09
CA MET A 319 -9.56 -20.06 1.97
C MET A 319 -9.32 -21.20 0.99
N GLU A 320 -10.40 -21.60 0.30
N GLU A 320 -10.40 -21.60 0.29
CA GLU A 320 -10.30 -22.71 -0.64
CA GLU A 320 -10.31 -22.72 -0.63
C GLU A 320 -9.27 -22.44 -1.73
C GLU A 320 -9.33 -22.44 -1.78
N THR A 321 -9.17 -21.18 -2.19
CA THR A 321 -8.19 -20.83 -3.20
C THR A 321 -6.81 -20.55 -2.63
N GLY A 322 -6.69 -20.49 -1.30
CA GLY A 322 -5.46 -20.08 -0.69
C GLY A 322 -5.20 -18.59 -0.74
N LEU A 323 -6.19 -17.78 -1.13
CA LEU A 323 -6.04 -16.34 -1.28
C LEU A 323 -6.97 -15.61 -0.31
N SER A 324 -6.43 -14.63 0.42
CA SER A 324 -7.25 -13.92 1.40
C SER A 324 -8.38 -13.14 0.72
N PRO A 325 -9.58 -13.11 1.33
CA PRO A 325 -10.62 -12.19 0.87
C PRO A 325 -10.29 -10.75 1.27
N GLU A 326 -11.15 -9.81 0.86
CA GLU A 326 -10.96 -8.40 1.17
C GLU A 326 -11.06 -8.13 2.66
N ILE A 327 -11.97 -8.82 3.34
CA ILE A 327 -12.25 -8.61 4.76
C ILE A 327 -12.53 -9.97 5.37
N VAL A 328 -12.03 -10.20 6.57
CA VAL A 328 -12.33 -11.42 7.31
C VAL A 328 -12.99 -11.05 8.63
N HIS A 329 -13.75 -11.99 9.18
CA HIS A 329 -14.25 -11.86 10.54
C HIS A 329 -13.77 -13.05 11.36
N PHE A 330 -13.57 -12.81 12.65
CA PHE A 330 -13.08 -13.84 13.56
C PHE A 330 -14.11 -14.10 14.66
N ASN A 331 -14.11 -15.34 15.17
CA ASN A 331 -14.99 -15.72 16.27
C ASN A 331 -14.22 -15.68 17.58
N LEU A 332 -14.73 -14.91 18.54
CA LEU A 332 -14.12 -14.80 19.85
C LEU A 332 -14.40 -16.03 20.71
N TYR A 333 -15.44 -16.78 20.40
CA TYR A 333 -15.85 -17.95 21.16
C TYR A 333 -16.09 -19.13 20.23
N PRO A 334 -16.03 -20.35 20.76
CA PRO A 334 -16.10 -21.54 19.91
C PRO A 334 -17.40 -21.64 19.13
N GLN A 335 -17.29 -21.96 17.85
CA GLN A 335 -18.44 -22.20 16.97
C GLN A 335 -18.24 -23.56 16.32
N PRO A 336 -19.13 -24.52 16.55
CA PRO A 336 -18.96 -25.85 15.96
C PRO A 336 -18.84 -25.78 14.45
N GLY A 337 -17.86 -26.51 13.91
CA GLY A 337 -17.72 -26.65 12.48
C GLY A 337 -17.11 -25.47 11.75
N ARG A 338 -16.64 -24.45 12.46
CA ARG A 338 -16.16 -23.24 11.82
C ARG A 338 -14.64 -23.16 11.87
N ARG A 339 -14.06 -22.61 10.80
CA ARG A 339 -12.65 -22.29 10.78
C ARG A 339 -12.41 -20.98 11.54
N ASP A 340 -11.15 -20.55 11.63
CA ASP A 340 -10.87 -19.26 12.24
C ASP A 340 -11.39 -18.12 11.39
N VAL A 341 -11.18 -18.21 10.08
CA VAL A 341 -11.34 -17.09 9.16
C VAL A 341 -12.74 -17.20 8.55
N GLU A 342 -13.66 -16.40 9.07
CA GLU A 342 -15.01 -16.25 8.51
C GLU A 342 -15.00 -15.13 7.48
N VAL A 343 -15.84 -15.26 6.46
N VAL A 343 -15.83 -15.28 6.44
CA VAL A 343 -15.91 -14.23 5.42
CA VAL A 343 -15.93 -14.27 5.41
C VAL A 343 -17.36 -14.05 4.98
C VAL A 343 -17.41 -14.06 5.08
N LYS A 344 -17.82 -12.80 5.01
CA LYS A 344 -19.18 -12.51 4.56
C LYS A 344 -19.26 -12.73 3.06
N PRO A 345 -20.42 -13.16 2.55
CA PRO A 345 -20.56 -13.36 1.10
C PRO A 345 -20.12 -12.16 0.27
N ALA A 346 -20.44 -10.93 0.72
CA ALA A 346 -20.06 -9.77 -0.06
C ALA A 346 -18.55 -9.48 -0.02
N ASP A 347 -17.80 -10.11 0.88
CA ASP A 347 -16.39 -9.77 1.09
C ASP A 347 -15.43 -10.77 0.46
N ARG A 348 -15.92 -11.66 -0.40
CA ARG A 348 -15.12 -12.80 -0.85
C ARG A 348 -14.17 -12.47 -1.99
N HIS A 349 -14.06 -11.22 -2.40
CA HIS A 349 -13.21 -10.90 -3.54
C HIS A 349 -11.76 -10.81 -3.11
N ASN A 350 -10.87 -10.99 -4.08
CA ASN A 350 -9.45 -10.73 -3.91
C ASN A 350 -9.02 -9.85 -5.05
N LEU A 351 -8.45 -8.69 -4.74
CA LEU A 351 -8.08 -7.74 -5.79
C LEU A 351 -6.59 -7.75 -6.06
N LEU A 352 -5.94 -8.88 -5.80
CA LEU A 352 -4.49 -9.08 -5.93
C LEU A 352 -3.70 -8.16 -5.01
N ARG A 353 -4.27 -7.87 -3.85
CA ARG A 353 -3.66 -6.93 -2.92
C ARG A 353 -2.36 -7.48 -2.30
N PRO A 354 -1.44 -6.60 -1.95
CA PRO A 354 -0.07 -6.99 -1.56
C PRO A 354 0.21 -7.13 -0.06
N GLU A 355 -0.75 -6.85 0.83
CA GLU A 355 -0.31 -6.57 2.21
C GLU A 355 0.25 -7.81 2.90
N THR A 356 -0.22 -9.01 2.58
CA THR A 356 0.39 -10.18 3.21
C THR A 356 1.82 -10.38 2.73
N VAL A 357 2.06 -10.35 1.41
CA VAL A 357 3.43 -10.55 0.96
C VAL A 357 4.30 -9.35 1.31
N GLU A 358 3.72 -8.17 1.38
CA GLU A 358 4.42 -7.00 1.92
C GLU A 358 5.03 -7.31 3.29
N SER A 359 4.22 -7.85 4.19
CA SER A 359 4.70 -8.11 5.53
C SER A 359 5.63 -9.32 5.59
N LEU A 360 5.43 -10.33 4.72
CA LEU A 360 6.37 -11.45 4.69
C LEU A 360 7.78 -10.99 4.36
N PHE A 361 7.91 -10.06 3.40
CA PHE A 361 9.21 -9.48 3.07
C PHE A 361 9.95 -8.97 4.32
N TYR A 362 9.28 -8.13 5.13
CA TYR A 362 9.96 -7.60 6.30
C TYR A 362 10.21 -8.67 7.35
N LEU A 363 9.24 -9.55 7.57
CA LEU A 363 9.45 -10.63 8.54
C LEU A 363 10.66 -11.47 8.17
N TYR A 364 10.83 -11.78 6.88
CA TYR A 364 12.01 -12.53 6.47
C TYR A 364 13.29 -11.71 6.62
N ARG A 365 13.27 -10.46 6.16
CA ARG A 365 14.48 -9.64 6.23
C ARG A 365 14.97 -9.45 7.65
N VAL A 366 14.05 -9.35 8.61
CA VAL A 366 14.45 -9.07 10.00
C VAL A 366 14.76 -10.35 10.78
N THR A 367 14.01 -11.43 10.55
CA THR A 367 14.21 -12.68 11.30
C THR A 367 15.08 -13.70 10.59
N GLY A 368 15.13 -13.70 9.25
CA GLY A 368 15.82 -14.75 8.53
C GLY A 368 15.12 -16.09 8.51
N ASP A 369 13.91 -16.18 9.05
CA ASP A 369 13.15 -17.42 9.10
C ASP A 369 12.58 -17.72 7.71
N ARG A 370 13.12 -18.74 7.05
CA ARG A 370 12.73 -19.02 5.67
C ARG A 370 11.30 -19.51 5.53
N LYS A 371 10.61 -19.83 6.61
CA LYS A 371 9.21 -20.21 6.44
C LYS A 371 8.41 -19.08 5.83
N TYR A 372 8.84 -17.83 6.06
CA TYR A 372 8.12 -16.69 5.49
C TYR A 372 8.28 -16.64 3.98
N GLN A 373 9.40 -17.14 3.46
CA GLN A 373 9.55 -17.32 2.02
C GLN A 373 8.62 -18.42 1.52
N ASP A 374 8.58 -19.55 2.23
CA ASP A 374 7.69 -20.64 1.84
C ASP A 374 6.25 -20.17 1.78
N TRP A 375 5.81 -19.39 2.78
CA TRP A 375 4.43 -18.91 2.78
C TRP A 375 4.17 -18.00 1.59
N GLY A 376 5.14 -17.15 1.25
CA GLY A 376 4.98 -16.29 0.09
C GLY A 376 4.91 -17.07 -1.22
N TRP A 377 5.72 -18.12 -1.34
CA TRP A 377 5.65 -18.96 -2.54
C TRP A 377 4.30 -19.64 -2.65
N GLU A 378 3.77 -20.13 -1.52
CA GLU A 378 2.44 -20.72 -1.49
C GLU A 378 1.40 -19.75 -2.03
N ILE A 379 1.45 -18.50 -1.57
CA ILE A 379 0.48 -17.49 -2.01
C ILE A 379 0.65 -17.19 -3.49
N LEU A 380 1.90 -17.13 -3.97
CA LEU A 380 2.13 -16.86 -5.39
C LEU A 380 1.60 -18.01 -6.24
N GLN A 381 1.78 -19.25 -5.79
CA GLN A 381 1.24 -20.37 -6.54
C GLN A 381 -0.28 -20.29 -6.63
N SER A 382 -0.95 -19.78 -5.58
CA SER A 382 -2.40 -19.60 -5.62
C SER A 382 -2.79 -18.53 -6.62
N PHE A 383 -2.06 -17.41 -6.64
CA PHE A 383 -2.27 -16.41 -7.69
C PHE A 383 -2.14 -17.03 -9.07
N SER A 384 -1.09 -17.83 -9.28
CA SER A 384 -0.90 -18.44 -10.60
C SER A 384 -2.07 -19.37 -10.95
N ARG A 385 -2.57 -20.11 -9.97
CA ARG A 385 -3.56 -21.15 -10.23
C ARG A 385 -4.95 -20.57 -10.50
N PHE A 386 -5.33 -19.46 -9.86
CA PHE A 386 -6.72 -19.01 -9.88
C PHE A 386 -6.96 -17.64 -10.50
N THR A 387 -5.92 -16.86 -10.80
CA THR A 387 -6.14 -15.51 -11.35
C THR A 387 -5.49 -15.29 -12.72
N ARG A 388 -4.73 -16.25 -13.23
CA ARG A 388 -4.05 -16.05 -14.51
C ARG A 388 -5.03 -16.06 -15.67
N VAL A 389 -4.82 -15.17 -16.63
CA VAL A 389 -5.63 -15.08 -17.86
C VAL A 389 -4.74 -15.58 -19.00
N PRO A 390 -5.15 -16.62 -19.74
CA PRO A 390 -4.23 -17.20 -20.75
C PRO A 390 -3.67 -16.20 -21.76
N SER A 391 -4.48 -15.23 -22.20
CA SER A 391 -4.00 -14.30 -23.22
C SER A 391 -2.99 -13.29 -22.67
N GLY A 392 -2.82 -13.21 -21.35
CA GLY A 392 -1.95 -12.20 -20.77
C GLY A 392 -2.60 -11.58 -19.55
N GLY A 393 -1.81 -11.30 -18.51
CA GLY A 393 -2.31 -10.64 -17.32
C GLY A 393 -2.87 -11.59 -16.28
N TYR A 394 -3.24 -11.00 -15.15
CA TYR A 394 -3.88 -11.65 -14.02
C TYR A 394 -5.02 -10.75 -13.58
N SER A 395 -6.08 -11.36 -13.06
CA SER A 395 -7.29 -10.62 -12.70
C SER A 395 -7.69 -10.78 -11.25
N SER A 396 -8.20 -9.69 -10.67
CA SER A 396 -8.96 -9.78 -9.43
C SER A 396 -10.07 -10.80 -9.60
N ILE A 397 -10.41 -11.50 -8.50
CA ILE A 397 -11.46 -12.49 -8.55
C ILE A 397 -12.53 -12.15 -7.51
N ASN A 398 -13.74 -12.65 -7.76
CA ASN A 398 -14.86 -12.32 -6.89
C ASN A 398 -15.07 -13.34 -5.77
N ASN A 399 -14.46 -14.52 -5.84
CA ASN A 399 -14.79 -15.55 -4.86
C ASN A 399 -13.57 -16.40 -4.56
N VAL A 400 -12.85 -16.06 -3.47
CA VAL A 400 -11.69 -16.82 -3.03
C VAL A 400 -12.10 -18.16 -2.44
N GLN A 401 -13.41 -18.40 -2.33
CA GLN A 401 -13.88 -19.63 -1.71
C GLN A 401 -14.47 -20.61 -2.71
N ASP A 402 -14.35 -20.32 -4.02
CA ASP A 402 -14.89 -21.19 -5.06
C ASP A 402 -13.75 -21.43 -6.06
N PRO A 403 -12.93 -22.45 -5.84
CA PRO A 403 -11.78 -22.69 -6.72
C PRO A 403 -12.16 -23.16 -8.11
N GLN A 404 -13.39 -23.63 -8.30
CA GLN A 404 -13.86 -23.98 -9.63
C GLN A 404 -14.40 -22.77 -10.37
N LYS A 405 -14.99 -21.82 -9.65
N LYS A 405 -15.00 -21.82 -9.67
CA LYS A 405 -15.56 -20.60 -10.22
CA LYS A 405 -15.53 -20.60 -10.27
C LYS A 405 -15.10 -19.39 -9.41
C LYS A 405 -15.11 -19.39 -9.43
N PRO A 406 -13.82 -19.02 -9.50
CA PRO A 406 -13.36 -17.83 -8.75
C PRO A 406 -13.97 -16.52 -9.23
N GLU A 407 -14.49 -16.49 -10.47
CA GLU A 407 -15.25 -15.36 -11.01
C GLU A 407 -14.37 -14.13 -11.20
N PRO A 408 -13.52 -14.11 -12.23
CA PRO A 408 -12.67 -12.93 -12.46
C PRO A 408 -13.49 -11.66 -12.65
N ARG A 409 -12.99 -10.57 -12.06
N ARG A 409 -13.00 -10.57 -12.05
CA ARG A 409 -13.59 -9.24 -12.19
CA ARG A 409 -13.60 -9.26 -12.19
C ARG A 409 -13.04 -8.47 -13.39
C ARG A 409 -13.15 -8.54 -13.47
N ASP A 410 -12.13 -9.05 -14.16
CA ASP A 410 -11.58 -8.43 -15.38
C ASP A 410 -10.88 -7.11 -15.07
N LYS A 411 -9.96 -7.14 -14.12
CA LYS A 411 -9.14 -5.96 -13.84
C LYS A 411 -7.83 -6.42 -13.21
N MET A 412 -6.74 -5.83 -13.65
CA MET A 412 -5.43 -6.04 -13.03
C MET A 412 -5.04 -4.71 -12.40
N GLU A 413 -5.09 -4.66 -11.07
CA GLU A 413 -4.80 -3.41 -10.38
C GLU A 413 -3.32 -3.06 -10.52
N SER A 414 -3.03 -1.76 -10.58
CA SER A 414 -1.62 -1.39 -10.79
C SER A 414 -0.74 -1.89 -9.67
N PHE A 415 -1.30 -2.06 -8.46
CA PHE A 415 -0.44 -2.50 -7.39
C PHE A 415 -0.11 -4.00 -7.45
N PHE A 416 -0.71 -4.75 -8.37
CA PHE A 416 -0.24 -6.12 -8.54
C PHE A 416 1.20 -6.12 -9.02
N LEU A 417 1.51 -5.29 -10.03
CA LEU A 417 2.88 -5.22 -10.52
C LEU A 417 3.73 -4.21 -9.73
N GLY A 418 3.11 -3.16 -9.19
CA GLY A 418 3.88 -2.22 -8.39
C GLY A 418 4.28 -2.76 -7.03
N GLU A 419 3.43 -3.59 -6.43
CA GLU A 419 3.69 -4.04 -5.07
C GLU A 419 3.78 -5.56 -4.94
N THR A 420 2.72 -6.29 -5.29
CA THR A 420 2.65 -7.71 -4.93
C THR A 420 3.85 -8.46 -5.51
N LEU A 421 4.12 -8.27 -6.79
CA LEU A 421 5.25 -8.97 -7.40
C LEU A 421 6.59 -8.41 -6.94
N LYS A 422 6.67 -7.11 -6.62
CA LYS A 422 7.95 -6.58 -6.15
C LYS A 422 8.31 -7.15 -4.79
N TYR A 423 7.36 -7.17 -3.85
CA TYR A 423 7.64 -7.72 -2.53
C TYR A 423 7.98 -9.21 -2.60
N LEU A 424 7.33 -9.94 -3.49
CA LEU A 424 7.66 -11.36 -3.63
C LEU A 424 9.08 -11.55 -4.15
N PHE A 425 9.48 -10.79 -5.17
CA PHE A 425 10.85 -10.89 -5.68
C PHE A 425 11.86 -10.61 -4.59
N LEU A 426 11.63 -9.57 -3.80
CA LEU A 426 12.55 -9.21 -2.72
C LEU A 426 12.54 -10.27 -1.61
N LEU A 427 11.37 -10.79 -1.29
CA LEU A 427 11.26 -11.84 -0.28
C LEU A 427 12.10 -13.05 -0.64
N PHE A 428 12.15 -13.40 -1.93
CA PHE A 428 12.87 -14.59 -2.34
C PHE A 428 14.36 -14.37 -2.53
N SER A 429 14.82 -13.12 -2.46
CA SER A 429 16.23 -12.82 -2.77
C SER A 429 17.18 -13.36 -1.71
N ASP A 430 18.33 -13.85 -2.18
CA ASP A 430 19.44 -14.26 -1.33
C ASP A 430 20.34 -13.11 -0.90
N ASP A 431 19.95 -11.87 -1.14
CA ASP A 431 20.82 -10.73 -0.88
C ASP A 431 20.17 -9.73 0.06
N PRO A 432 20.61 -9.64 1.33
CA PRO A 432 20.11 -8.58 2.21
C PRO A 432 20.55 -7.18 1.80
N ASN A 433 21.52 -7.06 0.89
CA ASN A 433 21.93 -5.78 0.35
C ASN A 433 20.99 -5.27 -0.75
N LEU A 434 20.06 -6.09 -1.22
CA LEU A 434 19.13 -5.66 -2.26
C LEU A 434 18.06 -4.79 -1.63
N LEU A 435 18.04 -3.51 -1.98
CA LEU A 435 17.19 -2.50 -1.33
C LEU A 435 17.23 -2.67 0.19
N SER A 436 18.43 -2.50 0.73
CA SER A 436 18.69 -2.76 2.14
C SER A 436 17.79 -1.92 3.05
N LEU A 437 17.40 -2.52 4.18
CA LEU A 437 16.62 -1.81 5.19
C LEU A 437 17.38 -0.62 5.77
N ASP A 438 18.70 -0.58 5.62
N ASP A 438 18.69 -0.54 5.64
CA ASP A 438 19.49 0.55 6.09
CA ASP A 438 19.40 0.61 6.14
C ASP A 438 19.50 1.72 5.12
C ASP A 438 19.74 1.63 5.05
N ALA A 439 19.14 1.49 3.86
CA ALA A 439 19.38 2.48 2.80
C ALA A 439 18.11 3.07 2.23
N TYR A 440 17.01 2.33 2.28
CA TYR A 440 15.74 2.78 1.71
C TYR A 440 14.59 2.54 2.67
N VAL A 441 13.55 3.36 2.53
CA VAL A 441 12.22 3.04 3.03
C VAL A 441 11.27 2.97 1.85
N PHE A 442 10.35 2.00 1.89
CA PHE A 442 9.35 1.89 0.84
C PHE A 442 8.18 2.81 1.15
N ASN A 443 7.66 3.51 0.15
CA ASN A 443 6.41 4.23 0.36
C ASN A 443 5.26 3.22 0.38
N THR A 444 4.04 3.71 0.51
CA THR A 444 2.97 2.75 0.76
C THR A 444 2.48 2.06 -0.52
N GLU A 445 3.07 2.42 -1.67
CA GLU A 445 2.91 1.69 -2.92
C GLU A 445 4.21 0.98 -3.33
N ALA A 446 5.04 0.64 -2.35
CA ALA A 446 6.26 -0.17 -2.55
C ALA A 446 7.28 0.54 -3.44
N HIS A 447 7.32 1.87 -3.36
CA HIS A 447 8.29 2.62 -4.14
C HIS A 447 9.44 3.06 -3.24
N PRO A 448 10.62 2.47 -3.37
CA PRO A 448 11.69 2.76 -2.42
C PRO A 448 12.23 4.17 -2.56
N LEU A 449 12.51 4.79 -1.41
CA LEU A 449 13.07 6.13 -1.32
C LEU A 449 14.26 6.10 -0.37
N PRO A 450 15.28 6.91 -0.61
CA PRO A 450 16.51 6.79 0.18
C PRO A 450 16.33 7.34 1.59
N ILE A 451 16.97 6.69 2.55
CA ILE A 451 17.05 7.21 3.91
C ILE A 451 18.08 8.34 3.94
N TRP A 452 17.72 9.42 4.61
CA TRP A 452 18.58 10.60 4.63
C TRP A 452 19.75 10.40 5.60
C1 NAG B . -18.75 4.68 0.88
C2 NAG B . -17.61 3.66 0.97
C3 NAG B . -16.31 4.24 0.42
C4 NAG B . -16.52 4.89 -0.93
C5 NAG B . -17.71 5.85 -0.89
C6 NAG B . -18.07 6.47 -2.22
C7 NAG B . -17.89 2.07 2.84
C8 NAG B . -17.63 1.81 4.28
N2 NAG B . -17.44 3.24 2.36
O3 NAG B . -15.35 3.21 0.32
O4 NAG B . -15.37 5.67 -1.25
O5 NAG B . -18.87 5.13 -0.44
O6 NAG B . -18.07 5.52 -3.28
O7 NAG B . -18.47 1.25 2.12
C1 BMA B . -14.77 5.29 -2.51
C2 BMA B . -14.07 6.56 -3.04
C3 BMA B . -13.33 6.22 -4.33
C4 BMA B . -12.42 5.02 -4.16
C5 BMA B . -13.21 3.84 -3.57
C6 BMA B . -12.37 2.63 -3.32
O2 BMA B . -13.11 7.04 -2.08
O3 BMA B . -12.56 7.32 -4.82
O4 BMA B . -11.87 4.62 -5.41
O5 BMA B . -13.84 4.26 -2.33
O6 BMA B . -11.22 2.94 -2.53
C1 MAN B . -11.52 2.94 -1.11
C2 MAN B . -10.18 3.04 -0.34
C3 MAN B . -9.46 1.67 -0.31
C4 MAN B . -10.43 0.57 0.16
C5 MAN B . -11.60 0.52 -0.82
C6 MAN B . -12.63 -0.55 -0.54
O2 MAN B . -10.42 3.39 1.01
O3 MAN B . -8.32 1.68 0.57
O4 MAN B . -9.76 -0.66 0.14
O5 MAN B . -12.27 1.77 -0.75
O6 MAN B . -13.30 -0.20 0.67
C1 MAN B . -7.14 2.26 -0.02
C2 MAN B . -5.92 1.55 0.59
C3 MAN B . -5.86 1.89 2.10
C4 MAN B . -6.07 3.41 2.40
C5 MAN B . -7.27 3.94 1.66
C6 MAN B . -7.42 5.45 1.82
O2 MAN B . -4.68 2.05 0.08
O3 MAN B . -4.64 1.45 2.68
O4 MAN B . -6.28 3.62 3.78
O5 MAN B . -7.09 3.64 0.24
O6 MAN B . -8.72 5.81 1.37
C1 MAN B . -3.83 1.00 -0.43
C2 MAN B . -2.50 1.69 -0.83
C3 MAN B . -1.64 0.82 -1.76
C4 MAN B . -2.47 0.26 -2.91
C5 MAN B . -3.66 -0.54 -2.37
C6 MAN B . -3.24 -1.80 -1.61
O2 MAN B . -1.66 1.93 0.33
O3 MAN B . -0.86 -0.21 -1.06
O4 MAN B . -2.96 1.37 -3.67
O5 MAN B . -4.47 0.31 -1.50
O6 MAN B . -4.34 -2.68 -1.46
C1 MAN B . -13.97 -1.38 1.16
C2 MAN B . -14.99 -0.92 2.24
C3 MAN B . -14.22 -0.44 3.48
C4 MAN B . -13.18 -1.49 3.95
C5 MAN B . -12.26 -1.81 2.77
C6 MAN B . -11.25 -2.88 3.07
O2 MAN B . -15.79 -2.04 2.66
O3 MAN B . -15.08 -0.12 4.57
O4 MAN B . -12.44 -0.98 5.07
O5 MAN B . -13.05 -2.30 1.69
O6 MAN B . -10.44 -2.98 1.91
C1 MAN B . -17.12 -1.94 2.08
C1 MAN B . -17.14 -1.90 2.14
C2 MAN B . -18.03 -2.91 2.88
C2 MAN B . -18.02 -2.90 2.92
C3 MAN B . -17.65 -4.35 2.57
C3 MAN B . -17.65 -4.34 2.56
C4 MAN B . -17.63 -4.60 1.04
C4 MAN B . -17.66 -4.55 1.02
C5 MAN B . -16.72 -3.59 0.35
C5 MAN B . -16.80 -3.48 0.32
C6 MAN B . -16.77 -3.70 -1.17
C6 MAN B . -16.95 -3.53 -1.19
O2 MAN B . -19.41 -2.76 2.50
O2 MAN B . -19.41 -2.76 2.59
O3 MAN B . -18.54 -5.26 3.22
O3 MAN B . -18.50 -5.26 3.21
O4 MAN B . -17.16 -5.92 0.76
O4 MAN B . -17.16 -5.84 0.68
O5 MAN B . -17.11 -2.24 0.69
O5 MAN B . -17.18 -2.16 0.75
O6 MAN B . -15.93 -2.70 -1.72
O6 MAN B . -18.19 -2.89 -1.52
C1 MAN B . -13.49 8.20 -5.47
C2 MAN B . -12.85 8.62 -6.79
C3 MAN B . -11.52 9.31 -6.46
C4 MAN B . -11.79 10.50 -5.53
C5 MAN B . -12.55 10.05 -4.28
C6 MAN B . -12.96 11.21 -3.42
O2 MAN B . -13.67 9.64 -7.37
O3 MAN B . -10.80 9.73 -7.63
O4 MAN B . -10.57 11.10 -5.13
O5 MAN B . -13.74 9.33 -4.66
O6 MAN B . -11.78 11.89 -3.02
C1 MAN B . -14.50 9.09 -8.41
C2 MAN B . -14.98 10.28 -9.26
C3 MAN B . -15.87 11.18 -8.39
C4 MAN B . -17.02 10.38 -7.75
C5 MAN B . -16.44 9.18 -6.98
C6 MAN B . -17.53 8.26 -6.42
O2 MAN B . -15.82 9.85 -10.34
O3 MAN B . -16.40 12.26 -9.14
O4 MAN B . -17.73 11.20 -6.85
O5 MAN B . -15.59 8.39 -7.86
O6 MAN B . -16.89 7.27 -5.59
LA LA C . 0.02 0.18 1.30
S SO4 D . -19.03 13.18 14.65
O1 SO4 D . -18.70 13.09 13.23
O2 SO4 D . -19.48 14.52 14.98
O3 SO4 D . -17.82 12.84 15.41
O4 SO4 D . -20.08 12.22 14.97
S SO4 E . -18.39 -14.71 18.87
O1 SO4 E . -19.25 -14.69 17.68
O2 SO4 E . -17.33 -13.71 18.72
O3 SO4 E . -19.19 -14.41 20.06
O4 SO4 E . -17.83 -16.06 18.99
C1 BU1 F . -18.16 -7.45 -17.39
C2 BU1 F . -17.64 -7.88 -18.76
C3 BU1 F . -16.12 -7.82 -18.80
C4 BU1 F . -15.67 -6.42 -19.17
O5 BU1 F . -19.53 -7.13 -17.50
O6 BU1 F . -15.04 -6.45 -20.43
C1 BU1 G . -1.18 24.09 -11.31
C2 BU1 G . -1.95 24.95 -10.32
C3 BU1 G . -1.00 25.89 -9.58
C4 BU1 G . -0.11 25.11 -8.63
O5 BU1 G . -2.08 23.30 -12.03
O6 BU1 G . 0.03 25.82 -7.43
N1 1PS H . 4.35 0.02 -27.70
C1 1PS H . 3.28 -0.36 -28.46
C2 1PS H . 2.60 -1.52 -28.16
C3 1PS H . 4.74 -0.74 -26.66
C4 1PS H . 4.06 -1.91 -26.36
C5 1PS H . 3.00 -2.28 -27.11
C6 1PS H . 5.06 1.23 -28.02
C7 1PS H . 4.06 2.22 -28.61
C8 1PS H . 4.75 3.56 -28.79
S1 1PS H . 4.72 4.41 -27.19
O1 1PS H . 5.50 3.67 -26.12
O2 1PS H . 5.26 5.82 -27.32
O3 1PS H . 3.30 4.69 -26.76
C1 BU1 I . -8.44 0.00 -4.26
C2 BU1 I . -9.91 0.03 -3.84
C3 BU1 I . -10.62 -1.19 -4.40
C4 BU1 I . -12.11 -1.12 -4.08
O5 BU1 I . -7.64 0.28 -3.15
O6 BU1 I . -12.64 -0.02 -4.77
C1 BU1 J . -1.44 -22.27 -20.47
C2 BU1 J . -1.99 -22.06 -21.89
C3 BU1 J . -2.19 -20.57 -22.18
C4 BU1 J . -1.02 -19.76 -21.61
O5 BU1 J . -1.41 -23.63 -20.17
O6 BU1 J . -0.81 -18.59 -22.36
#